data_9UUL
#
_entry.id   9UUL
#
_cell.length_a   125.569
_cell.length_b   125.569
_cell.length_c   74.251
_cell.angle_alpha   90.00
_cell.angle_beta   90.00
_cell.angle_gamma   120.00
#
_symmetry.space_group_name_H-M   'P 64'
#
loop_
_entity.id
_entity.type
_entity.pdbx_description
1 polymer 'AP-2 complex subunit mu'
2 polymer 'Protein E7'
#
loop_
_entity_poly.entity_id
_entity_poly.type
_entity_poly.pdbx_seq_one_letter_code
_entity_poly.pdbx_strand_id
1 'polypeptide(L)'
;GHMQIGWRREGIKYRRNELFLDVLESVNLLMSPQGQVLSAHVSGRVVMKSYLSGMPECKFGMNDKIVIEKQGKGTADETS
KSGKQSIAIDDCTFHQCVRLSKFDSERSISFIPPDGEFELMRYRTTKDIILPFRVIPLVREVGRTKLEVKVVIKSNFKPS
LLAQKIEVRIPTPLNTSGVQVICMKGKAKYKASENAIVWKIKRMAGMKESQISAEIELLPTNDKKKWARPPISMNFEVPF
APSGLKVRYLKVFEPKLNYSDHDVIKWVRYIGRSGIYETRC
;
A
2 'polypeptide(L)' LYCYEQLNDEEEEEDEID B
#
# COMPACT_ATOMS: atom_id res chain seq x y z
N ILE A 5 20.64 -19.17 22.94
CA ILE A 5 19.52 -18.40 22.36
C ILE A 5 18.41 -18.16 23.37
N GLY A 6 18.08 -16.89 23.58
CA GLY A 6 17.01 -16.51 24.50
C GLY A 6 15.72 -16.08 23.85
N TRP A 7 15.62 -16.12 22.52
CA TRP A 7 14.38 -15.75 21.83
C TRP A 7 13.60 -16.94 21.31
N ARG A 8 14.21 -18.14 21.29
CA ARG A 8 13.54 -19.35 20.83
C ARG A 8 13.93 -20.49 21.75
N ARG A 9 12.93 -21.15 22.34
CA ARG A 9 13.17 -22.31 23.18
C ARG A 9 13.61 -23.51 22.33
N GLU A 10 14.05 -24.56 23.02
CA GLU A 10 14.48 -25.79 22.35
C GLU A 10 13.44 -26.89 22.55
N GLY A 11 13.49 -27.87 21.67
CA GLY A 11 12.49 -28.92 21.71
C GLY A 11 11.17 -28.53 21.09
N ILE A 12 11.15 -27.50 20.26
CA ILE A 12 9.95 -27.23 19.48
C ILE A 12 9.83 -28.30 18.42
N LYS A 13 8.68 -28.96 18.36
CA LYS A 13 8.40 -29.95 17.34
C LYS A 13 7.00 -29.66 16.81
N TYR A 14 6.90 -29.47 15.50
CA TYR A 14 5.66 -29.25 14.79
C TYR A 14 5.44 -30.40 13.83
N ARG A 15 4.19 -30.85 13.75
CA ARG A 15 3.85 -31.91 12.80
C ARG A 15 3.92 -31.40 11.38
N ARG A 16 3.21 -30.31 11.10
CA ARG A 16 3.13 -29.67 9.78
C ARG A 16 3.92 -28.38 9.89
N ASN A 17 5.09 -28.33 9.25
CA ASN A 17 5.99 -27.19 9.34
C ASN A 17 5.61 -26.16 8.28
N GLU A 18 4.91 -25.12 8.70
CA GLU A 18 4.42 -24.10 7.78
C GLU A 18 5.16 -22.79 7.98
N LEU A 19 4.93 -21.90 7.03
CA LEU A 19 5.76 -20.71 6.88
C LEU A 19 4.89 -19.65 6.25
N PHE A 20 4.64 -18.59 6.98
CA PHE A 20 3.83 -17.47 6.53
C PHE A 20 4.66 -16.20 6.53
N LEU A 21 4.69 -15.51 5.39
CA LEU A 21 5.51 -14.31 5.22
C LEU A 21 4.61 -13.18 4.74
N ASP A 22 4.39 -12.17 5.59
CA ASP A 22 3.66 -10.97 5.21
C ASP A 22 4.66 -9.87 4.93
N VAL A 23 4.62 -9.33 3.72
CA VAL A 23 5.36 -8.13 3.34
C VAL A 23 4.35 -6.97 3.21
N LEU A 24 4.52 -5.96 4.08
CA LEU A 24 3.55 -4.90 4.31
C LEU A 24 4.22 -3.56 4.00
N GLU A 25 3.65 -2.82 3.07
CA GLU A 25 4.22 -1.55 2.65
C GLU A 25 3.17 -0.46 2.73
N SER A 26 3.62 0.76 2.96
CA SER A 26 2.80 1.96 2.86
C SER A 26 3.47 2.86 1.86
N VAL A 27 2.86 3.00 0.68
CA VAL A 27 3.38 3.89 -0.37
C VAL A 27 2.88 5.31 -0.14
N ASN A 28 3.80 6.27 -0.15
CA ASN A 28 3.51 7.67 0.11
C ASN A 28 3.84 8.49 -1.12
N LEU A 29 3.03 9.51 -1.41
CA LEU A 29 3.20 10.26 -2.66
C LEU A 29 2.61 11.65 -2.51
N LEU A 30 3.35 12.65 -2.95
CA LEU A 30 2.83 14.00 -3.14
C LEU A 30 3.03 14.35 -4.59
N MET A 31 1.96 14.57 -5.33
CA MET A 31 2.09 14.83 -6.76
C MET A 31 1.44 16.13 -7.17
N SER A 32 2.15 16.91 -8.00
CA SER A 32 1.61 18.15 -8.57
C SER A 32 0.32 17.84 -9.34
N PRO A 33 -0.45 18.88 -9.68
CA PRO A 33 -1.71 18.61 -10.41
C PRO A 33 -1.46 18.13 -11.83
N GLN A 34 -0.36 18.55 -12.46
CA GLN A 34 -0.06 18.20 -13.83
C GLN A 34 0.52 16.79 -14.01
N GLY A 35 0.94 16.13 -12.91
CA GLY A 35 1.43 14.77 -12.97
C GLY A 35 2.85 14.56 -12.47
N GLN A 36 3.53 15.62 -12.03
CA GLN A 36 4.91 15.54 -11.58
C GLN A 36 4.99 15.02 -10.14
N VAL A 37 5.82 14.00 -9.92
CA VAL A 37 6.04 13.48 -8.57
C VAL A 37 6.88 14.47 -7.78
N LEU A 38 6.35 14.94 -6.64
CA LEU A 38 7.03 15.91 -5.78
C LEU A 38 7.72 15.29 -4.57
N SER A 39 7.35 14.06 -4.22
CA SER A 39 7.93 13.26 -3.14
C SER A 39 7.31 11.88 -3.22
N ALA A 40 8.07 10.87 -2.83
CA ALA A 40 7.50 9.54 -2.75
C ALA A 40 8.51 8.65 -2.06
N HIS A 41 7.97 7.72 -1.27
CA HIS A 41 8.77 6.73 -0.56
C HIS A 41 7.83 5.60 -0.16
N VAL A 42 8.42 4.43 0.06
CA VAL A 42 7.74 3.28 0.62
C VAL A 42 8.40 2.94 1.95
N SER A 43 7.57 2.73 2.98
CA SER A 43 8.02 2.12 4.23
C SER A 43 7.48 0.71 4.25
N GLY A 44 8.35 -0.25 4.51
CA GLY A 44 7.96 -1.64 4.51
C GLY A 44 8.41 -2.33 5.78
N ARG A 45 7.74 -3.43 6.08
CA ARG A 45 8.24 -4.39 7.03
C ARG A 45 7.88 -5.77 6.53
N VAL A 46 8.67 -6.75 6.96
CA VAL A 46 8.48 -8.14 6.63
C VAL A 46 8.29 -8.87 7.95
N VAL A 47 7.06 -9.33 8.23
CA VAL A 47 6.77 -10.13 9.43
C VAL A 47 6.67 -11.59 9.01
N MET A 48 7.17 -12.49 9.88
CA MET A 48 7.26 -13.90 9.53
C MET A 48 6.52 -14.69 10.59
N LYS A 49 5.53 -15.46 10.16
CA LYS A 49 4.86 -16.42 11.03
C LYS A 49 5.48 -17.79 10.76
N SER A 50 6.26 -18.27 11.73
CA SER A 50 7.05 -19.49 11.63
C SER A 50 6.47 -20.59 12.53
N TYR A 51 6.33 -21.82 11.96
CA TYR A 51 5.93 -23.04 12.70
C TYR A 51 6.86 -24.20 12.29
N LEU A 52 8.15 -24.06 12.62
CA LEU A 52 9.20 -24.98 12.21
C LEU A 52 9.74 -25.69 13.43
N SER A 53 10.26 -26.90 13.22
CA SER A 53 10.60 -27.80 14.31
C SER A 53 12.08 -27.68 14.67
N GLY A 54 12.35 -27.49 15.96
CA GLY A 54 13.71 -27.55 16.47
C GLY A 54 14.35 -26.21 16.70
N MET A 55 15.46 -25.97 16.01
CA MET A 55 16.14 -24.67 15.97
C MET A 55 16.64 -24.50 14.56
N PRO A 56 15.77 -24.10 13.63
CA PRO A 56 16.15 -24.07 12.22
C PRO A 56 16.96 -22.83 11.87
N GLU A 57 17.82 -22.99 10.87
CA GLU A 57 18.61 -21.87 10.34
C GLU A 57 18.05 -21.52 8.97
N CYS A 58 17.59 -20.27 8.81
CA CYS A 58 16.93 -19.82 7.59
C CYS A 58 17.75 -18.76 6.89
N LYS A 59 17.62 -18.74 5.55
CA LYS A 59 18.14 -17.69 4.70
C LYS A 59 16.97 -17.07 3.95
N PHE A 60 16.80 -15.76 4.08
CA PHE A 60 15.73 -15.03 3.43
C PHE A 60 16.28 -14.23 2.26
N GLY A 61 15.62 -14.35 1.11
CA GLY A 61 16.18 -13.87 -0.14
C GLY A 61 15.15 -13.18 -1.02
N MET A 62 15.61 -12.14 -1.69
CA MET A 62 14.76 -11.19 -2.41
C MET A 62 15.64 -10.44 -3.39
N ASN A 63 15.04 -9.50 -4.12
CA ASN A 63 15.72 -8.84 -5.23
C ASN A 63 16.33 -7.52 -4.76
N ASP A 64 17.35 -7.66 -3.92
CA ASP A 64 18.12 -6.50 -3.49
C ASP A 64 19.11 -6.09 -4.60
N GLN A 85 13.82 -6.76 -13.05
CA GLN A 85 13.10 -6.14 -11.92
C GLN A 85 13.80 -6.41 -10.57
N SER A 86 14.61 -5.44 -10.09
CA SER A 86 15.14 -5.53 -8.72
C SER A 86 14.76 -4.29 -7.91
N ILE A 87 15.52 -3.98 -6.85
CA ILE A 87 15.16 -2.93 -5.89
C ILE A 87 16.38 -2.32 -5.24
N ALA A 88 16.27 -1.02 -4.96
CA ALA A 88 17.15 -0.34 -4.01
C ALA A 88 16.46 -0.31 -2.65
N ILE A 89 17.23 -0.58 -1.60
CA ILE A 89 16.77 -0.35 -0.23
C ILE A 89 17.64 0.74 0.37
N ASP A 90 17.01 1.83 0.78
CA ASP A 90 17.77 2.96 1.29
C ASP A 90 18.11 2.82 2.78
N ASP A 91 17.49 1.89 3.50
CA ASP A 91 17.76 1.71 4.92
C ASP A 91 17.14 0.40 5.40
N CYS A 92 17.81 -0.26 6.34
CA CYS A 92 17.33 -1.49 6.95
C CYS A 92 17.51 -1.41 8.44
N THR A 93 16.66 -2.14 9.15
CA THR A 93 16.88 -2.45 10.56
C THR A 93 16.31 -3.85 10.78
N PHE A 94 17.15 -4.77 11.26
CA PHE A 94 16.80 -6.18 11.36
C PHE A 94 16.40 -6.59 12.79
N HIS A 95 15.73 -7.73 12.86
CA HIS A 95 15.51 -8.39 14.14
C HIS A 95 16.85 -8.87 14.69
N GLN A 96 16.94 -8.94 16.03
CA GLN A 96 18.21 -9.27 16.66
C GLN A 96 18.76 -10.63 16.22
N CYS A 97 17.91 -11.50 15.69
CA CYS A 97 18.31 -12.84 15.30
C CYS A 97 19.09 -12.89 13.99
N VAL A 98 19.22 -11.78 13.26
CA VAL A 98 19.89 -11.82 11.96
C VAL A 98 21.40 -11.72 12.18
N ARG A 99 22.15 -12.05 11.11
CA ARG A 99 23.60 -12.09 11.19
C ARG A 99 24.19 -11.27 10.04
N ILE A 109 21.34 -12.67 4.16
CA ILE A 109 20.41 -12.52 5.29
C ILE A 109 20.02 -13.82 6.01
N SER A 110 20.70 -14.17 7.10
CA SER A 110 20.42 -15.45 7.75
C SER A 110 20.21 -15.28 9.25
N PHE A 111 19.51 -16.25 9.84
CA PHE A 111 18.94 -16.12 11.19
C PHE A 111 18.27 -17.42 11.65
N ILE A 112 18.21 -17.62 12.96
CA ILE A 112 17.35 -18.65 13.56
C ILE A 112 16.12 -17.95 14.08
N PRO A 113 14.94 -18.19 13.48
CA PRO A 113 13.76 -17.36 13.76
C PRO A 113 13.10 -17.76 15.07
N PRO A 114 12.51 -16.81 15.78
CA PRO A 114 11.68 -17.17 16.93
C PRO A 114 10.45 -17.95 16.48
N ASP A 115 9.84 -18.65 17.43
CA ASP A 115 8.61 -19.35 17.10
C ASP A 115 7.47 -18.35 17.00
N GLY A 116 6.52 -18.65 16.11
CA GLY A 116 5.38 -17.77 15.97
C GLY A 116 5.74 -16.50 15.23
N GLU A 117 4.96 -15.47 15.50
CA GLU A 117 5.00 -14.24 14.71
C GLU A 117 6.03 -13.27 15.27
N PHE A 118 6.83 -12.70 14.38
CA PHE A 118 7.86 -11.72 14.72
C PHE A 118 8.17 -10.89 13.48
N GLU A 119 8.72 -9.69 13.68
CA GLU A 119 9.05 -8.79 12.57
C GLU A 119 10.51 -8.96 12.17
N LEU A 120 10.74 -9.45 10.95
CA LEU A 120 12.10 -9.81 10.53
C LEU A 120 12.94 -8.59 10.16
N MET A 121 12.33 -7.56 9.55
CA MET A 121 13.04 -6.36 9.13
C MET A 121 12.04 -5.26 8.82
N ARG A 122 12.48 -4.01 9.01
CA ARG A 122 11.87 -2.81 8.44
C ARG A 122 12.77 -2.27 7.34
N TYR A 123 12.16 -1.61 6.36
CA TYR A 123 12.96 -1.01 5.30
C TYR A 123 12.23 0.22 4.77
N ARG A 124 12.96 1.02 3.98
CA ARG A 124 12.40 2.16 3.27
C ARG A 124 13.07 2.28 1.92
N THR A 125 12.29 2.51 0.87
CA THR A 125 12.82 2.66 -0.48
C THR A 125 12.26 3.93 -1.08
N THR A 126 13.01 4.53 -2.00
CA THR A 126 12.51 5.73 -2.67
C THR A 126 12.53 5.64 -4.18
N LYS A 127 13.41 4.84 -4.77
CA LYS A 127 13.60 4.82 -6.22
C LYS A 127 12.75 3.72 -6.86
N ASP A 128 12.14 4.04 -7.98
CA ASP A 128 11.41 3.05 -8.80
C ASP A 128 10.22 2.44 -8.06
N ILE A 129 9.50 3.28 -7.36
CA ILE A 129 8.29 2.86 -6.71
C ILE A 129 7.19 2.73 -7.75
N ILE A 130 6.32 1.76 -7.56
CA ILE A 130 5.12 1.62 -8.37
C ILE A 130 4.05 2.53 -7.79
N LEU A 131 3.58 3.49 -8.59
CA LEU A 131 2.52 4.33 -8.03
C LEU A 131 1.17 3.77 -8.47
N PRO A 132 0.48 3.06 -7.56
CA PRO A 132 -0.65 2.23 -7.98
C PRO A 132 -1.85 3.00 -8.46
N PHE A 133 -1.97 4.30 -8.18
CA PHE A 133 -3.02 5.11 -8.78
C PHE A 133 -2.44 6.44 -9.21
N ARG A 134 -3.02 7.00 -10.27
CA ARG A 134 -2.73 8.36 -10.68
C ARG A 134 -4.00 9.17 -10.50
N VAL A 135 -3.92 10.32 -9.83
CA VAL A 135 -5.09 11.15 -9.55
C VAL A 135 -5.00 12.38 -10.42
N ILE A 136 -6.10 12.67 -11.12
CA ILE A 136 -6.07 13.65 -12.19
C ILE A 136 -7.19 14.64 -11.96
N PRO A 137 -6.88 15.75 -11.30
CA PRO A 137 -7.90 16.72 -10.90
C PRO A 137 -8.20 17.75 -11.98
N LEU A 138 -9.45 18.20 -12.01
CA LEU A 138 -9.92 19.23 -12.94
C LEU A 138 -10.93 20.13 -12.26
N VAL A 139 -10.66 21.43 -12.20
CA VAL A 139 -11.49 22.38 -11.46
C VAL A 139 -11.80 23.58 -12.35
N ARG A 140 -13.09 23.85 -12.56
CA ARG A 140 -13.58 24.95 -13.37
C ARG A 140 -14.34 25.91 -12.45
N GLU A 141 -13.89 27.16 -12.37
CA GLU A 141 -14.65 28.19 -11.69
C GLU A 141 -15.85 28.59 -12.54
N VAL A 142 -16.91 29.06 -11.89
CA VAL A 142 -18.11 29.49 -12.59
C VAL A 142 -18.65 30.74 -11.92
N GLY A 143 -18.30 31.90 -12.45
CA GLY A 143 -18.62 33.13 -11.74
C GLY A 143 -18.01 33.08 -10.35
N ARG A 144 -18.74 33.64 -9.39
CA ARG A 144 -18.37 33.51 -7.99
C ARG A 144 -19.33 32.59 -7.27
N THR A 145 -20.02 31.72 -8.02
CA THR A 145 -21.18 30.99 -7.50
C THR A 145 -21.02 29.49 -7.40
N LYS A 146 -20.41 28.83 -8.39
CA LYS A 146 -20.37 27.37 -8.39
C LYS A 146 -19.01 26.90 -8.89
N LEU A 147 -18.70 25.64 -8.60
CA LEU A 147 -17.38 25.06 -8.85
C LEU A 147 -17.57 23.71 -9.52
N GLU A 148 -17.16 23.59 -10.78
CA GLU A 148 -17.34 22.35 -11.50
C GLU A 148 -16.05 21.54 -11.38
N VAL A 149 -16.15 20.32 -10.86
CA VAL A 149 -14.98 19.54 -10.45
C VAL A 149 -15.07 18.13 -10.98
N LYS A 150 -14.05 17.69 -11.74
CA LYS A 150 -13.98 16.32 -12.21
C LYS A 150 -12.63 15.72 -11.84
N VAL A 151 -12.65 14.55 -11.18
CA VAL A 151 -11.45 13.87 -10.71
C VAL A 151 -11.43 12.48 -11.29
N VAL A 152 -10.28 12.07 -11.83
CA VAL A 152 -10.11 10.78 -12.51
C VAL A 152 -9.08 9.96 -11.78
N ILE A 153 -9.43 8.71 -11.49
CA ILE A 153 -8.50 7.72 -10.99
C ILE A 153 -8.05 6.91 -12.19
N LYS A 154 -6.74 6.81 -12.39
CA LYS A 154 -6.18 5.79 -13.28
C LYS A 154 -5.45 4.82 -12.37
N SER A 155 -5.80 3.53 -12.47
CA SER A 155 -5.09 2.48 -11.74
C SER A 155 -4.01 1.87 -12.61
N ASN A 156 -2.80 1.76 -12.05
CA ASN A 156 -1.59 1.44 -12.82
C ASN A 156 -0.89 0.20 -12.24
N PHE A 157 -1.43 -0.97 -12.55
CA PHE A 157 -0.81 -2.24 -12.21
C PHE A 157 -1.46 -3.31 -13.09
N LYS A 158 -0.94 -4.55 -13.02
CA LYS A 158 -1.48 -5.65 -13.81
C LYS A 158 -3.00 -5.73 -13.69
N PRO A 159 -3.74 -5.92 -14.80
CA PRO A 159 -5.20 -5.97 -14.72
C PRO A 159 -5.71 -7.23 -14.07
N SER A 160 -4.84 -8.21 -13.85
CA SER A 160 -5.19 -9.45 -13.15
C SER A 160 -5.33 -9.27 -11.64
N LEU A 161 -5.11 -8.06 -11.11
CA LEU A 161 -5.07 -7.77 -9.68
C LEU A 161 -6.10 -6.70 -9.30
N LEU A 162 -6.71 -6.86 -8.13
CA LEU A 162 -7.74 -5.94 -7.63
C LEU A 162 -7.23 -5.05 -6.50
N ALA A 163 -7.34 -3.74 -6.69
CA ALA A 163 -7.19 -2.81 -5.59
C ALA A 163 -8.50 -2.77 -4.81
N GLN A 164 -8.38 -2.58 -3.51
CA GLN A 164 -9.50 -2.67 -2.59
C GLN A 164 -9.47 -1.52 -1.61
N LYS A 165 -10.62 -1.29 -0.98
CA LYS A 165 -10.82 -0.20 -0.03
C LYS A 165 -10.34 1.13 -0.61
N ILE A 166 -10.96 1.55 -1.71
CA ILE A 166 -10.56 2.79 -2.38
C ILE A 166 -11.42 3.92 -1.83
N GLU A 167 -10.77 5.04 -1.53
CA GLU A 167 -11.41 6.25 -1.05
C GLU A 167 -10.70 7.42 -1.67
N VAL A 168 -11.45 8.42 -2.12
CA VAL A 168 -10.88 9.62 -2.74
C VAL A 168 -11.52 10.81 -2.03
N ARG A 169 -10.70 11.64 -1.39
CA ARG A 169 -11.22 12.75 -0.64
C ARG A 169 -11.03 14.00 -1.49
N ILE A 170 -12.12 14.67 -1.84
CA ILE A 170 -12.01 15.90 -2.59
C ILE A 170 -12.43 17.05 -1.66
N PRO A 171 -11.52 17.94 -1.29
CA PRO A 171 -11.88 19.02 -0.36
C PRO A 171 -12.73 20.07 -1.06
N THR A 172 -13.82 20.46 -0.41
CA THR A 172 -14.73 21.53 -0.80
C THR A 172 -14.44 22.79 0.02
N PRO A 173 -14.63 23.99 -0.56
CA PRO A 173 -14.36 25.23 0.17
C PRO A 173 -15.24 25.34 1.39
N LEU A 174 -15.00 26.38 2.18
CA LEU A 174 -15.75 26.53 3.42
C LEU A 174 -17.13 27.11 3.16
N ASN A 175 -17.24 27.92 2.11
CA ASN A 175 -18.49 28.60 1.78
C ASN A 175 -19.28 27.83 0.71
N THR A 176 -19.62 26.58 1.02
CA THR A 176 -20.39 25.75 0.08
C THR A 176 -21.75 25.45 0.69
N SER A 177 -22.82 25.70 -0.09
CA SER A 177 -24.21 25.56 0.34
C SER A 177 -24.73 24.16 0.07
N GLY A 178 -24.33 23.61 -1.05
CA GLY A 178 -24.57 22.22 -1.34
C GLY A 178 -23.57 21.81 -2.39
N VAL A 179 -23.52 20.51 -2.60
CA VAL A 179 -22.71 19.95 -3.66
C VAL A 179 -23.54 18.84 -4.32
N GLN A 180 -23.45 18.75 -5.64
CA GLN A 180 -24.08 17.70 -6.42
C GLN A 180 -22.97 16.88 -7.03
N VAL A 181 -23.09 15.54 -6.98
CA VAL A 181 -22.09 14.70 -7.61
C VAL A 181 -22.84 13.56 -8.30
N ILE A 182 -22.23 13.03 -9.36
CA ILE A 182 -22.67 11.77 -9.93
C ILE A 182 -21.42 10.92 -10.19
N CYS A 183 -21.54 9.64 -9.93
CA CYS A 183 -20.41 8.72 -10.02
C CYS A 183 -20.90 7.43 -10.66
N MET A 184 -20.01 6.84 -11.45
CA MET A 184 -20.34 5.63 -12.22
C MET A 184 -19.93 4.42 -11.39
N LYS A 185 -18.63 4.23 -11.23
CA LYS A 185 -18.13 3.29 -10.23
C LYS A 185 -18.30 3.90 -8.85
N GLY A 186 -18.74 3.09 -7.89
CA GLY A 186 -18.70 3.47 -6.49
C GLY A 186 -19.86 4.34 -6.03
N LYS A 187 -19.79 4.75 -4.74
CA LYS A 187 -20.72 5.69 -4.12
C LYS A 187 -19.97 6.87 -3.49
N ALA A 188 -20.60 8.05 -3.51
CA ALA A 188 -19.97 9.28 -3.06
C ALA A 188 -20.93 10.12 -2.22
N LYS A 189 -20.52 10.51 -1.00
CA LYS A 189 -21.30 11.40 -0.15
C LYS A 189 -20.49 12.63 0.20
N TYR A 190 -21.16 13.77 0.33
CA TYR A 190 -20.48 15.00 0.76
C TYR A 190 -20.60 15.16 2.27
N LYS A 191 -19.63 14.63 2.99
CA LYS A 191 -19.50 14.89 4.42
C LYS A 191 -19.20 16.39 4.57
N ALA A 192 -20.23 17.17 4.95
CA ALA A 192 -20.09 18.62 5.06
C ALA A 192 -19.39 19.03 6.36
N SER A 193 -19.67 18.27 7.44
CA SER A 193 -18.86 18.32 8.66
C SER A 193 -17.37 18.22 8.37
N GLU A 194 -16.94 17.18 7.64
CA GLU A 194 -15.54 17.03 7.23
C GLU A 194 -15.12 18.00 6.13
N ASN A 195 -16.09 18.66 5.48
CA ASN A 195 -15.83 19.69 4.46
C ASN A 195 -15.02 19.13 3.28
N ALA A 196 -15.55 18.04 2.69
CA ALA A 196 -14.86 17.24 1.69
C ALA A 196 -15.84 16.23 1.13
N ILE A 197 -15.82 16.05 -0.18
CA ILE A 197 -16.55 14.96 -0.82
C ILE A 197 -15.77 13.67 -0.60
N VAL A 198 -16.44 12.61 -0.14
CA VAL A 198 -15.80 11.32 0.01
C VAL A 198 -16.38 10.33 -1.00
N TRP A 199 -15.50 9.76 -1.83
CA TRP A 199 -15.85 8.83 -2.88
C TRP A 199 -15.22 7.50 -2.55
N LYS A 200 -16.06 6.47 -2.39
CA LYS A 200 -15.63 5.15 -1.94
C LYS A 200 -15.92 4.11 -3.01
N ILE A 201 -14.98 3.19 -3.20
CA ILE A 201 -14.98 2.23 -4.31
C ILE A 201 -14.47 0.90 -3.77
N LYS A 202 -15.23 -0.17 -4.02
CA LYS A 202 -14.93 -1.45 -3.36
C LYS A 202 -13.75 -2.16 -4.01
N ARG A 203 -13.82 -2.41 -5.32
CA ARG A 203 -12.74 -3.00 -6.09
C ARG A 203 -12.43 -2.12 -7.29
N MET A 204 -11.24 -2.32 -7.85
CA MET A 204 -10.89 -1.77 -9.16
C MET A 204 -9.66 -2.49 -9.69
N ALA A 205 -9.75 -2.96 -10.93
CA ALA A 205 -8.69 -3.74 -11.53
C ALA A 205 -7.63 -2.86 -12.16
N GLY A 206 -6.43 -3.42 -12.31
CA GLY A 206 -5.34 -2.68 -12.90
C GLY A 206 -5.62 -2.29 -14.33
N MET A 207 -4.93 -1.23 -14.76
CA MET A 207 -5.10 -0.64 -16.09
C MET A 207 -6.58 -0.39 -16.38
N LYS A 208 -7.22 0.38 -15.50
CA LYS A 208 -8.57 0.86 -15.77
C LYS A 208 -8.65 2.31 -15.32
N GLU A 209 -9.83 2.91 -15.52
CA GLU A 209 -10.01 4.25 -15.02
C GLU A 209 -11.49 4.47 -14.69
N SER A 210 -11.72 5.15 -13.57
CA SER A 210 -13.04 5.58 -13.14
C SER A 210 -12.96 7.06 -12.87
N GLN A 211 -14.13 7.71 -12.82
CA GLN A 211 -14.14 9.14 -12.62
C GLN A 211 -15.40 9.58 -11.90
N ILE A 212 -15.32 10.79 -11.35
CA ILE A 212 -16.37 11.39 -10.54
C ILE A 212 -16.47 12.86 -10.92
N SER A 213 -17.69 13.40 -10.91
CA SER A 213 -17.95 14.76 -11.30
C SER A 213 -18.78 15.42 -10.21
N ALA A 214 -18.46 16.66 -9.87
CA ALA A 214 -19.17 17.37 -8.82
C ALA A 214 -19.53 18.77 -9.29
N GLU A 215 -20.62 19.30 -8.75
CA GLU A 215 -20.97 20.70 -8.87
C GLU A 215 -21.08 21.23 -7.45
N ILE A 216 -20.29 22.24 -7.12
CA ILE A 216 -20.24 22.78 -5.77
C ILE A 216 -20.85 24.16 -5.77
N GLU A 217 -22.00 24.33 -5.09
CA GLU A 217 -22.66 25.62 -5.00
C GLU A 217 -22.07 26.42 -3.84
N LEU A 218 -21.62 27.65 -4.14
CA LEU A 218 -20.91 28.51 -3.20
C LEU A 218 -21.79 29.63 -2.65
N LEU A 219 -21.57 29.97 -1.37
CA LEU A 219 -22.04 31.21 -0.78
C LEU A 219 -21.10 32.35 -1.15
N PRO A 220 -21.54 33.58 -0.96
CA PRO A 220 -20.61 34.71 -1.14
C PRO A 220 -19.66 34.84 0.05
N THR A 221 -18.50 35.45 -0.23
CA THR A 221 -17.47 35.53 0.79
C THR A 221 -16.50 36.65 0.42
N ASN A 222 -15.68 37.04 1.39
CA ASN A 222 -14.61 38.02 1.21
C ASN A 222 -13.75 37.64 0.00
N ASP A 223 -13.86 38.41 -1.09
CA ASP A 223 -12.97 38.13 -2.21
C ASP A 223 -11.53 38.53 -1.93
N LYS A 224 -11.26 39.02 -0.71
CA LYS A 224 -9.88 39.24 -0.29
C LYS A 224 -9.11 37.93 -0.30
N LYS A 225 -9.65 36.90 0.35
CA LYS A 225 -8.95 35.63 0.53
C LYS A 225 -9.34 34.66 -0.57
N LYS A 226 -8.45 34.45 -1.55
CA LYS A 226 -8.61 33.29 -2.43
C LYS A 226 -8.44 32.02 -1.61
N TRP A 227 -8.95 30.90 -2.13
CA TRP A 227 -9.10 29.67 -1.36
C TRP A 227 -7.83 28.82 -1.40
N ALA A 228 -7.33 28.42 -0.22
CA ALA A 228 -6.12 27.61 -0.13
C ALA A 228 -6.46 26.15 -0.43
N ARG A 229 -6.44 25.79 -1.72
CA ARG A 229 -6.90 24.51 -2.26
C ARG A 229 -6.14 23.28 -1.77
N PRO A 230 -6.71 22.53 -0.82
CA PRO A 230 -6.03 21.32 -0.34
C PRO A 230 -5.91 20.27 -1.44
N PRO A 231 -5.04 19.29 -1.28
CA PRO A 231 -4.88 18.27 -2.32
C PRO A 231 -5.96 17.21 -2.20
N ILE A 232 -5.99 16.33 -3.19
CA ILE A 232 -6.92 15.22 -3.17
C ILE A 232 -6.23 14.01 -2.57
N SER A 233 -6.89 13.37 -1.59
CA SER A 233 -6.32 12.28 -0.83
C SER A 233 -6.88 10.94 -1.31
N MET A 234 -6.07 9.90 -1.21
CA MET A 234 -6.50 8.56 -1.58
C MET A 234 -6.08 7.56 -0.53
N ASN A 235 -6.83 6.48 -0.46
CA ASN A 235 -6.51 5.32 0.35
C ASN A 235 -6.93 4.11 -0.46
N PHE A 236 -6.11 3.07 -0.42
CA PHE A 236 -6.32 1.90 -1.25
C PHE A 236 -5.49 0.75 -0.66
N GLU A 237 -5.86 -0.48 -1.03
CA GLU A 237 -5.08 -1.67 -0.69
C GLU A 237 -4.84 -2.46 -1.97
N VAL A 238 -3.57 -2.63 -2.32
CA VAL A 238 -3.17 -3.32 -3.54
C VAL A 238 -2.45 -4.60 -3.16
N PRO A 239 -2.70 -5.72 -3.85
CA PRO A 239 -2.08 -7.01 -3.49
C PRO A 239 -0.65 -7.19 -3.99
N PHE A 240 0.18 -6.17 -3.81
CA PHE A 240 1.57 -6.22 -4.25
C PHE A 240 2.40 -5.17 -3.50
N ALA A 241 3.69 -5.41 -3.41
CA ALA A 241 4.59 -4.42 -2.81
C ALA A 241 4.89 -3.33 -3.83
N PRO A 242 4.48 -2.08 -3.58
CA PRO A 242 4.80 -0.99 -4.52
C PRO A 242 6.28 -0.67 -4.59
N SER A 243 7.11 -1.15 -3.65
CA SER A 243 8.55 -1.07 -3.79
C SER A 243 9.08 -2.06 -4.80
N GLY A 244 8.21 -2.84 -5.44
CA GLY A 244 8.62 -3.90 -6.33
C GLY A 244 9.24 -5.09 -5.64
N LEU A 245 9.13 -5.20 -4.32
CA LEU A 245 9.74 -6.30 -3.61
C LEU A 245 9.07 -7.60 -3.97
N LYS A 246 9.87 -8.61 -4.23
CA LYS A 246 9.42 -9.98 -4.36
C LYS A 246 10.36 -10.85 -3.54
N VAL A 247 9.82 -11.88 -2.91
CA VAL A 247 10.62 -12.84 -2.16
C VAL A 247 11.10 -13.93 -3.11
N ARG A 248 12.42 -14.08 -3.23
CA ARG A 248 12.96 -15.11 -4.11
C ARG A 248 12.90 -16.47 -3.42
N TYR A 249 13.48 -16.56 -2.22
CA TYR A 249 13.57 -17.82 -1.52
C TYR A 249 13.51 -17.54 -0.02
N LEU A 250 12.91 -18.48 0.71
CA LEU A 250 13.11 -18.59 2.15
C LEU A 250 13.42 -20.04 2.42
N LYS A 251 14.68 -20.33 2.76
CA LYS A 251 15.16 -21.68 2.90
C LYS A 251 15.34 -22.02 4.38
N VAL A 252 14.88 -23.22 4.75
CA VAL A 252 14.95 -23.73 6.13
C VAL A 252 15.93 -24.90 6.15
N PHE A 253 16.85 -24.88 7.12
CA PHE A 253 17.82 -25.95 7.30
C PHE A 253 17.85 -26.37 8.76
N GLU A 254 17.34 -27.56 9.05
CA GLU A 254 17.52 -28.24 10.33
C GLU A 254 18.40 -29.45 10.11
N PRO A 255 19.60 -29.46 10.68
CA PRO A 255 20.51 -30.59 10.49
C PRO A 255 20.15 -31.77 11.38
N LYS A 256 19.85 -31.50 12.65
CA LYS A 256 19.64 -32.56 13.63
C LYS A 256 18.36 -33.33 13.33
N LEU A 257 17.27 -32.62 13.07
CA LEU A 257 15.97 -33.26 12.86
C LEU A 257 15.81 -33.73 11.42
N ASN A 258 15.00 -34.78 11.27
CA ASN A 258 14.94 -35.57 10.04
C ASN A 258 14.09 -34.92 8.95
N TYR A 259 14.06 -33.59 8.90
CA TYR A 259 13.40 -32.88 7.80
C TYR A 259 14.36 -31.93 7.11
N SER A 260 13.93 -31.48 5.93
CA SER A 260 14.75 -30.64 5.04
C SER A 260 13.87 -29.54 4.43
N ASP A 261 14.47 -28.73 3.55
CA ASP A 261 13.77 -27.56 3.02
C ASP A 261 12.56 -27.96 2.18
N HIS A 262 12.65 -29.08 1.44
CA HIS A 262 11.53 -29.49 0.59
C HIS A 262 10.28 -29.84 1.41
N ASP A 263 10.40 -29.96 2.73
CA ASP A 263 9.30 -30.41 3.59
C ASP A 263 8.43 -29.28 4.11
N VAL A 264 8.85 -28.01 3.98
CA VAL A 264 8.17 -26.90 4.65
C VAL A 264 7.13 -26.29 3.71
N ILE A 265 5.90 -26.20 4.17
CA ILE A 265 4.86 -25.49 3.44
C ILE A 265 5.13 -24.00 3.61
N LYS A 266 5.31 -23.28 2.51
CA LYS A 266 5.63 -21.86 2.59
C LYS A 266 4.59 -21.04 1.85
N TRP A 267 4.32 -19.86 2.38
CA TRP A 267 3.26 -18.96 1.94
C TRP A 267 3.76 -17.53 2.06
N VAL A 268 3.33 -16.66 1.13
CA VAL A 268 3.74 -15.25 1.12
C VAL A 268 2.57 -14.40 0.65
N ARG A 269 2.25 -13.33 1.40
CA ARG A 269 1.27 -12.35 0.96
C ARG A 269 1.89 -10.97 0.90
N TYR A 270 1.48 -10.19 -0.11
CA TYR A 270 1.91 -8.81 -0.29
C TYR A 270 0.71 -7.88 -0.08
N ILE A 271 0.91 -6.80 0.66
CA ILE A 271 -0.18 -5.92 1.08
C ILE A 271 0.33 -4.49 1.07
N GLY A 272 -0.09 -3.72 0.08
CA GLY A 272 0.32 -2.34 -0.02
C GLY A 272 -0.81 -1.41 0.36
N ARG A 273 -0.65 -0.69 1.46
CA ARG A 273 -1.58 0.34 1.89
C ARG A 273 -1.06 1.67 1.43
N SER A 274 -1.95 2.64 1.37
CA SER A 274 -1.56 4.01 1.16
C SER A 274 -1.32 4.68 2.50
N GLY A 275 -0.15 5.28 2.65
CA GLY A 275 0.04 6.27 3.69
C GLY A 275 -0.54 7.61 3.26
N ILE A 276 0.33 8.57 3.02
CA ILE A 276 -0.05 9.88 2.55
C ILE A 276 0.04 9.88 1.01
N TYR A 277 -1.10 9.89 0.33
CA TYR A 277 -1.18 9.78 -1.13
C TYR A 277 -2.01 10.98 -1.66
N GLU A 278 -1.34 12.11 -1.84
CA GLU A 278 -1.99 13.38 -2.19
C GLU A 278 -1.61 13.83 -3.59
N THR A 279 -2.60 14.24 -4.38
CA THR A 279 -2.37 14.89 -5.65
C THR A 279 -2.72 16.37 -5.53
N ARG A 280 -1.72 17.23 -5.72
CA ARG A 280 -1.83 18.66 -5.45
C ARG A 280 -2.91 19.33 -6.29
N CYS A 281 -3.57 20.31 -5.68
CA CYS A 281 -4.69 21.06 -6.25
C CYS A 281 -5.99 20.22 -6.40
N CYS B 3 -5.88 -14.63 -0.11
CA CYS B 3 -4.84 -14.42 0.91
C CYS B 3 -3.45 -14.90 0.56
N TYR B 4 -2.80 -15.51 1.55
CA TYR B 4 -1.49 -16.11 1.34
C TYR B 4 -1.51 -17.01 0.12
N GLU B 5 -0.48 -16.88 -0.71
CA GLU B 5 -0.26 -17.74 -1.87
C GLU B 5 1.04 -18.51 -1.68
N GLN B 6 1.16 -19.62 -2.41
CA GLN B 6 2.28 -20.52 -2.19
C GLN B 6 3.58 -19.82 -2.59
N LEU B 7 4.70 -20.37 -2.12
CA LEU B 7 6.02 -19.81 -2.40
C LEU B 7 6.86 -20.83 -3.15
N ASN B 8 6.96 -20.68 -4.48
CA ASN B 8 7.75 -21.60 -5.28
C ASN B 8 9.21 -21.14 -5.25
N ASP B 9 10.12 -22.12 -5.13
CA ASP B 9 11.55 -21.81 -4.99
C ASP B 9 12.11 -21.22 -6.27
N GLU B 10 12.73 -20.04 -6.14
CA GLU B 10 13.36 -19.31 -7.24
C GLU B 10 14.89 -19.40 -7.16
N GLU B 11 15.40 -20.61 -6.93
CA GLU B 11 16.84 -20.83 -6.67
C GLU B 11 17.34 -22.15 -7.27
#